data_7RNC
#
_entry.id   7RNC
#
_cell.length_a   67.248
_cell.length_b   85.221
_cell.length_c   97.621
_cell.angle_alpha   90.000
_cell.angle_beta   90.000
_cell.angle_gamma   90.000
#
_symmetry.space_group_name_H-M   'P 21 21 21'
#
loop_
_entity.id
_entity.type
_entity.pdbx_description
1 polymer 'Caspase-3 subunit p17'
2 polymer 'Caspase-3 subunit p12'
3 polymer Ac-VDVVD-CHO
4 water water
#
loop_
_entity_poly.entity_id
_entity_poly.type
_entity_poly.pdbx_seq_one_letter_code
_entity_poly.pdbx_strand_id
1 'polypeptide(L)'
;DNSYKMDYPEMGLCIIINNKNFHKSTGMTSRSGTDVDAANLRETFRNLKYEVRNKNDLTREEIVELMRDVSKEDHSKRSS
FVCVLLSHGEEGIIFGTNGPVDLKKITNFFRGDRCRSLTGKPKLFIIQACRGTELDCGIET
;
A,C
2 'polypeptide(L)'
;CHKIPVEADFLYAYSTAPGYYSWRNSKDGSWFIQSLCAMLKQYADKLEFMHILTRVNRKVATEFESFSFDATFHAKKQIP
CIVSMLTKELYFYHH
;
B,D
3 'polypeptide(L)' (ACE)VDVV(ASA) F,G
#
# COMPACT_ATOMS: atom_id res chain seq x y z
N ASP A 1 9.80 4.16 20.22
CA ASP A 1 10.66 4.81 19.23
C ASP A 1 9.87 5.10 17.95
N ASN A 2 9.75 6.38 17.59
CA ASN A 2 8.83 6.83 16.54
C ASN A 2 9.49 6.92 15.16
N SER A 3 10.81 7.05 15.11
CA SER A 3 11.56 7.21 13.86
C SER A 3 12.63 6.15 13.75
N TYR A 4 12.84 5.62 12.54
CA TYR A 4 13.92 4.66 12.34
C TYR A 4 15.26 5.31 12.65
N LYS A 5 16.15 4.51 13.23
CA LYS A 5 17.51 4.94 13.52
C LYS A 5 18.28 5.00 12.22
N MET A 6 18.71 6.20 11.84
CA MET A 6 19.38 6.35 10.55
C MET A 6 20.77 6.97 10.70
N ASP A 7 21.38 6.79 11.88
CA ASP A 7 22.74 7.23 12.14
C ASP A 7 23.69 6.06 12.36
N TYR A 8 23.42 4.91 11.73
CA TYR A 8 24.41 3.85 11.62
C TYR A 8 25.58 4.39 10.78
N PRO A 9 26.72 3.72 10.75
CA PRO A 9 27.83 4.23 9.92
C PRO A 9 27.51 4.37 8.44
N GLU A 10 26.58 3.58 7.89
CA GLU A 10 26.24 3.59 6.47
C GLU A 10 24.72 3.65 6.30
N MET A 11 24.23 4.47 5.35
CA MET A 11 22.79 4.41 5.05
C MET A 11 22.36 3.04 4.55
N GLY A 12 23.20 2.39 3.74
CA GLY A 12 22.89 1.07 3.24
C GLY A 12 23.17 0.96 1.75
N LEU A 13 22.89 -0.22 1.22
CA LEU A 13 22.98 -0.46 -0.21
C LEU A 13 21.74 0.08 -0.90
N CYS A 14 21.93 0.46 -2.17
CA CYS A 14 20.86 0.78 -3.10
C CYS A 14 21.15 -0.02 -4.37
N ILE A 15 20.40 -1.09 -4.56
CA ILE A 15 20.59 -1.99 -5.70
C ILE A 15 19.62 -1.56 -6.80
N ILE A 16 20.16 -1.24 -7.98
CA ILE A 16 19.35 -0.85 -9.14
C ILE A 16 19.49 -1.92 -10.20
N ILE A 17 18.38 -2.58 -10.51
CA ILE A 17 18.33 -3.56 -11.60
C ILE A 17 17.63 -2.90 -12.78
N ASN A 18 18.37 -2.68 -13.86
CA ASN A 18 17.92 -1.91 -15.03
C ASN A 18 17.81 -2.85 -16.22
N ASN A 19 16.61 -3.35 -16.51
CA ASN A 19 16.42 -4.29 -17.60
C ASN A 19 15.86 -3.52 -18.79
N LYS A 20 16.65 -3.45 -19.85
CA LYS A 20 16.30 -2.68 -21.04
C LYS A 20 16.07 -3.56 -22.25
N ASN A 21 16.92 -4.56 -22.43
CA ASN A 21 16.95 -5.42 -23.61
C ASN A 21 16.55 -6.82 -23.21
N PHE A 22 15.52 -7.35 -23.88
CA PHE A 22 14.93 -8.63 -23.53
C PHE A 22 15.14 -9.65 -24.64
N HIS A 23 15.10 -10.93 -24.26
CA HIS A 23 15.29 -12.02 -25.21
C HIS A 23 14.19 -12.03 -26.25
N LYS A 24 14.55 -12.27 -27.51
CA LYS A 24 13.56 -12.39 -28.58
C LYS A 24 12.48 -13.39 -28.21
N SER A 25 12.85 -14.43 -27.45
CA SER A 25 11.95 -15.39 -26.83
C SER A 25 10.70 -14.76 -26.20
N THR A 26 10.86 -13.59 -25.57
CA THR A 26 9.78 -13.01 -24.78
C THR A 26 8.90 -12.04 -25.54
N GLY A 27 9.35 -11.53 -26.69
CA GLY A 27 8.53 -10.62 -27.46
C GLY A 27 8.27 -9.27 -26.83
N MET A 28 8.96 -8.94 -25.74
CA MET A 28 8.84 -7.64 -25.11
C MET A 28 9.82 -6.65 -25.74
N THR A 29 9.39 -5.40 -25.90
CA THR A 29 10.18 -4.42 -26.60
C THR A 29 11.31 -3.91 -25.70
N SER A 30 12.33 -3.32 -26.31
CA SER A 30 13.35 -2.63 -25.55
C SER A 30 12.73 -1.45 -24.80
N ARG A 31 13.25 -1.15 -23.60
CA ARG A 31 12.62 -0.16 -22.72
C ARG A 31 13.40 1.16 -22.79
N SER A 32 13.22 1.87 -23.90
CA SER A 32 13.98 3.10 -24.13
C SER A 32 13.57 4.17 -23.14
N GLY A 33 14.58 4.89 -22.64
CA GLY A 33 14.40 5.85 -21.58
C GLY A 33 14.80 5.36 -20.20
N THR A 34 14.97 4.05 -20.02
CA THR A 34 15.28 3.51 -18.69
C THR A 34 16.72 3.80 -18.26
N ASP A 35 17.65 4.00 -19.20
CA ASP A 35 18.98 4.42 -18.79
C ASP A 35 18.94 5.80 -18.15
N VAL A 36 18.05 6.66 -18.63
CA VAL A 36 17.79 7.95 -17.97
C VAL A 36 17.32 7.73 -16.54
N ASP A 37 16.38 6.80 -16.37
CA ASP A 37 15.90 6.44 -15.02
C ASP A 37 17.05 5.97 -14.15
N ALA A 38 17.82 4.99 -14.64
CA ALA A 38 18.86 4.36 -13.84
C ALA A 38 19.94 5.35 -13.43
N ALA A 39 20.29 6.30 -14.32
CA ALA A 39 21.29 7.30 -13.96
C ALA A 39 20.74 8.31 -12.96
N ASN A 40 19.48 8.74 -13.16
CA ASN A 40 18.82 9.61 -12.19
C ASN A 40 18.83 9.01 -10.79
N LEU A 41 18.43 7.74 -10.67
CA LEU A 41 18.41 7.04 -9.38
C LEU A 41 19.80 6.96 -8.77
N ARG A 42 20.79 6.56 -9.56
CA ARG A 42 22.17 6.51 -9.09
C ARG A 42 22.58 7.82 -8.45
N GLU A 43 22.35 8.93 -9.15
CA GLU A 43 22.75 10.22 -8.60
C GLU A 43 21.94 10.58 -7.36
N THR A 44 20.62 10.36 -7.42
CA THR A 44 19.75 10.74 -6.32
C THR A 44 20.13 10.02 -5.03
N PHE A 45 20.32 8.72 -5.11
CA PHE A 45 20.66 7.98 -3.89
C PHE A 45 22.13 8.13 -3.50
N ARG A 46 23.02 8.42 -4.46
CA ARG A 46 24.36 8.87 -4.09
C ARG A 46 24.31 10.08 -3.17
N ASN A 47 23.46 11.04 -3.50
CA ASN A 47 23.34 12.26 -2.70
C ASN A 47 22.76 11.99 -1.32
N LEU A 48 22.05 10.88 -1.14
CA LEU A 48 21.53 10.48 0.17
C LEU A 48 22.51 9.59 0.94
N LYS A 49 23.70 9.35 0.37
CA LYS A 49 24.80 8.60 1.00
C LYS A 49 24.55 7.09 0.99
N TYR A 50 23.80 6.61 0.02
CA TYR A 50 23.68 5.18 -0.22
C TYR A 50 24.84 4.69 -1.07
N GLU A 51 25.29 3.46 -0.80
CA GLU A 51 26.23 2.74 -1.66
C GLU A 51 25.45 2.11 -2.80
N VAL A 52 25.51 2.74 -3.98
CA VAL A 52 24.67 2.36 -5.13
C VAL A 52 25.37 1.28 -5.92
N ARG A 53 24.61 0.27 -6.38
CA ARG A 53 25.13 -0.69 -7.35
C ARG A 53 24.13 -0.79 -8.50
N ASN A 54 24.58 -0.46 -9.72
CA ASN A 54 23.77 -0.58 -10.93
C ASN A 54 24.04 -1.91 -11.63
N LYS A 55 22.97 -2.60 -12.00
CA LYS A 55 23.04 -3.85 -12.74
C LYS A 55 22.11 -3.78 -13.95
N ASN A 56 22.62 -4.20 -15.11
CA ASN A 56 21.90 -4.08 -16.37
C ASN A 56 21.63 -5.46 -16.96
N ASP A 57 20.43 -5.62 -17.51
CA ASP A 57 20.04 -6.74 -18.38
C ASP A 57 20.31 -8.09 -17.73
N LEU A 58 19.62 -8.32 -16.61
CA LEU A 58 19.79 -9.54 -15.82
C LEU A 58 18.68 -10.53 -16.14
N THR A 59 19.06 -11.80 -16.27
CA THR A 59 18.06 -12.86 -16.37
C THR A 59 17.35 -13.05 -15.02
N ARG A 60 16.26 -13.83 -15.03
CA ARG A 60 15.54 -14.18 -13.81
C ARG A 60 16.47 -14.79 -12.79
N GLU A 61 17.30 -15.72 -13.26
CA GLU A 61 18.22 -16.43 -12.40
C GLU A 61 19.29 -15.50 -11.86
N GLU A 62 19.71 -14.52 -12.66
CA GLU A 62 20.69 -13.55 -12.19
C GLU A 62 20.08 -12.63 -11.14
N ILE A 63 18.83 -12.21 -11.35
CA ILE A 63 18.15 -11.41 -10.33
C ILE A 63 18.06 -12.19 -9.02
N VAL A 64 17.54 -13.42 -9.07
CA VAL A 64 17.41 -14.22 -7.86
C VAL A 64 18.76 -14.41 -7.19
N GLU A 65 19.79 -14.71 -7.98
CA GLU A 65 21.14 -14.90 -7.48
C GLU A 65 21.67 -13.65 -6.78
N LEU A 66 21.46 -12.49 -7.39
CA LEU A 66 21.97 -11.25 -6.85
C LEU A 66 21.28 -10.90 -5.54
N MET A 67 19.96 -11.02 -5.52
CA MET A 67 19.20 -10.62 -4.35
C MET A 67 19.53 -11.55 -3.19
N ARG A 68 19.70 -12.85 -3.48
CA ARG A 68 20.12 -13.80 -2.45
C ARG A 68 21.52 -13.45 -1.93
N ASP A 69 22.47 -13.19 -2.84
CA ASP A 69 23.82 -12.81 -2.41
C ASP A 69 23.79 -11.56 -1.55
N VAL A 70 23.08 -10.52 -2.02
CA VAL A 70 22.98 -9.27 -1.27
C VAL A 70 22.38 -9.50 0.11
N SER A 71 21.30 -10.28 0.18
CA SER A 71 20.66 -10.54 1.46
C SER A 71 21.55 -11.36 2.41
N LYS A 72 22.65 -11.93 1.91
CA LYS A 72 23.53 -12.69 2.76
C LYS A 72 24.76 -11.91 3.23
N GLU A 73 24.90 -10.66 2.80
CA GLU A 73 25.95 -9.80 3.32
C GLU A 73 25.67 -9.42 4.77
N ASP A 74 26.66 -8.78 5.40
CA ASP A 74 26.55 -8.27 6.77
C ASP A 74 26.12 -6.82 6.69
N HIS A 75 24.81 -6.58 6.89
CA HIS A 75 24.25 -5.24 6.91
C HIS A 75 24.26 -4.61 8.30
N SER A 76 25.05 -5.15 9.24
CA SER A 76 24.98 -4.73 10.64
C SER A 76 25.25 -3.24 10.83
N LYS A 77 26.18 -2.67 10.07
CA LYS A 77 26.47 -1.24 10.17
C LYS A 77 25.70 -0.41 9.15
N ARG A 78 24.62 -0.94 8.60
CA ARG A 78 23.84 -0.21 7.60
C ARG A 78 22.48 0.17 8.18
N SER A 79 22.01 1.38 7.85
CA SER A 79 20.75 1.84 8.43
C SER A 79 19.55 1.19 7.76
N SER A 80 19.63 0.97 6.44
CA SER A 80 18.47 0.58 5.67
C SER A 80 18.92 -0.22 4.46
N PHE A 81 17.96 -0.56 3.61
CA PHE A 81 18.22 -1.26 2.35
C PHE A 81 17.23 -0.78 1.31
N VAL A 82 17.73 -0.52 0.10
CA VAL A 82 16.91 -0.03 -1.01
C VAL A 82 17.19 -0.88 -2.24
N CYS A 83 16.12 -1.31 -2.91
CA CYS A 83 16.19 -2.03 -4.17
C CYS A 83 15.26 -1.37 -5.16
N VAL A 84 15.77 -1.07 -6.36
CA VAL A 84 14.96 -0.51 -7.43
C VAL A 84 14.91 -1.51 -8.58
N LEU A 85 13.71 -1.75 -9.08
CA LEU A 85 13.49 -2.70 -10.17
C LEU A 85 12.85 -1.92 -11.32
N LEU A 86 13.53 -1.94 -12.47
CA LEU A 86 13.10 -1.20 -13.65
C LEU A 86 13.00 -2.23 -14.76
N SER A 87 11.77 -2.61 -15.12
CA SER A 87 11.57 -3.68 -16.09
C SER A 87 10.12 -3.67 -16.57
N HIS A 88 9.79 -4.62 -17.43
CA HIS A 88 8.41 -4.99 -17.66
C HIS A 88 7.90 -5.75 -16.43
N GLY A 89 6.58 -5.81 -16.26
CA GLY A 89 6.02 -6.61 -15.18
C GLY A 89 4.59 -6.98 -15.45
N GLU A 90 4.07 -7.85 -14.60
CA GLU A 90 2.65 -8.13 -14.44
C GLU A 90 2.33 -8.04 -12.94
N GLU A 91 1.05 -8.15 -12.58
CA GLU A 91 0.69 -8.05 -11.17
C GLU A 91 1.48 -9.07 -10.34
N GLY A 92 2.31 -8.58 -9.40
CA GLY A 92 3.13 -9.44 -8.56
C GLY A 92 4.36 -10.01 -9.25
N ILE A 93 4.72 -9.52 -10.42
CA ILE A 93 5.73 -10.15 -11.26
C ILE A 93 6.62 -9.07 -11.88
N ILE A 94 7.94 -9.29 -11.83
CA ILE A 94 8.92 -8.46 -12.51
C ILE A 94 9.63 -9.37 -13.51
N PHE A 95 10.03 -8.81 -14.66
CA PHE A 95 10.67 -9.59 -15.72
C PHE A 95 12.18 -9.43 -15.70
N GLY A 96 12.88 -10.55 -15.59
CA GLY A 96 14.24 -10.63 -16.08
C GLY A 96 14.22 -10.57 -17.60
N THR A 97 15.43 -10.60 -18.19
CA THR A 97 15.53 -10.51 -19.64
C THR A 97 14.90 -11.70 -20.36
N ASN A 98 14.76 -12.85 -19.70
CA ASN A 98 14.32 -14.07 -20.35
C ASN A 98 13.05 -14.67 -19.76
N GLY A 99 12.34 -13.96 -18.89
CA GLY A 99 11.12 -14.50 -18.32
C GLY A 99 10.73 -13.83 -17.01
N PRO A 100 9.58 -14.23 -16.47
CA PRO A 100 9.07 -13.60 -15.25
C PRO A 100 9.66 -14.18 -13.98
N VAL A 101 9.79 -13.33 -12.96
CA VAL A 101 10.11 -13.76 -11.60
C VAL A 101 9.14 -13.13 -10.60
N ASP A 102 8.58 -13.96 -9.71
CA ASP A 102 7.68 -13.47 -8.67
C ASP A 102 8.38 -12.47 -7.77
N LEU A 103 7.74 -11.32 -7.54
CA LEU A 103 8.33 -10.31 -6.64
C LEU A 103 8.51 -10.87 -5.25
N LYS A 104 7.60 -11.77 -4.83
CA LYS A 104 7.68 -12.37 -3.51
C LYS A 104 8.97 -13.16 -3.35
N LYS A 105 9.44 -13.84 -4.40
CA LYS A 105 10.71 -14.55 -4.32
C LYS A 105 11.87 -13.60 -4.05
N ILE A 106 11.85 -12.41 -4.66
CA ILE A 106 12.91 -11.43 -4.44
C ILE A 106 12.87 -10.91 -3.01
N THR A 107 11.69 -10.47 -2.55
CA THR A 107 11.62 -9.83 -1.25
C THR A 107 11.73 -10.81 -0.09
N ASN A 108 11.43 -12.09 -0.31
CA ASN A 108 11.51 -13.07 0.78
C ASN A 108 12.93 -13.20 1.34
N PHE A 109 13.96 -12.96 0.53
CA PHE A 109 15.34 -13.03 1.03
C PHE A 109 15.57 -12.05 2.17
N PHE A 110 14.82 -10.95 2.21
CA PHE A 110 15.02 -9.89 3.18
C PHE A 110 14.03 -9.95 4.35
N ARG A 111 13.22 -11.00 4.41
CA ARG A 111 12.29 -11.17 5.52
C ARG A 111 13.02 -11.05 6.86
N GLY A 112 12.30 -10.57 7.87
CA GLY A 112 12.91 -10.31 9.16
C GLY A 112 13.65 -11.50 9.74
N ASP A 113 13.16 -12.71 9.48
CA ASP A 113 13.81 -13.92 9.97
C ASP A 113 14.89 -14.44 9.04
N ARG A 114 14.95 -13.96 7.79
CA ARG A 114 15.85 -14.49 6.79
C ARG A 114 17.06 -13.61 6.53
N CYS A 115 17.01 -12.34 6.90
CA CYS A 115 18.16 -11.43 6.82
C CYS A 115 18.26 -10.70 8.16
N ARG A 116 18.97 -11.32 9.11
CA ARG A 116 18.92 -10.86 10.50
C ARG A 116 19.62 -9.52 10.71
N SER A 117 20.61 -9.19 9.88
CA SER A 117 21.26 -7.89 10.04
C SER A 117 20.47 -6.74 9.43
N LEU A 118 19.30 -7.01 8.86
CA LEU A 118 18.34 -5.97 8.48
C LEU A 118 17.06 -6.04 9.31
N THR A 119 16.98 -6.97 10.26
CA THR A 119 15.82 -7.04 11.14
C THR A 119 15.65 -5.73 11.90
N GLY A 120 14.44 -5.16 11.86
CA GLY A 120 14.14 -3.91 12.52
C GLY A 120 14.46 -2.66 11.71
N LYS A 121 15.05 -2.83 10.52
CA LYS A 121 15.46 -1.72 9.67
C LYS A 121 14.60 -1.62 8.40
N PRO A 122 14.37 -0.41 7.89
CA PRO A 122 13.45 -0.27 6.73
C PRO A 122 14.05 -0.87 5.47
N LYS A 123 13.25 -1.71 4.79
CA LYS A 123 13.61 -2.36 3.53
C LYS A 123 12.69 -1.80 2.46
N LEU A 124 13.26 -1.00 1.55
CA LEU A 124 12.53 -0.22 0.55
C LEU A 124 12.68 -0.85 -0.83
N PHE A 125 11.56 -1.24 -1.42
CA PHE A 125 11.55 -1.76 -2.79
C PHE A 125 10.80 -0.81 -3.70
N ILE A 126 11.48 -0.30 -4.71
CA ILE A 126 10.93 0.70 -5.63
C ILE A 126 10.79 0.00 -6.97
N ILE A 127 9.55 -0.09 -7.47
CA ILE A 127 9.21 -0.96 -8.60
C ILE A 127 8.60 -0.12 -9.71
N GLN A 128 9.37 0.11 -10.76
CA GLN A 128 8.90 0.68 -12.02
C GLN A 128 8.69 -0.48 -12.97
N ALA A 129 7.43 -0.87 -13.15
CA ALA A 129 7.01 -2.01 -13.97
C ALA A 129 5.49 -2.00 -14.03
N CYS A 130 4.94 -2.47 -15.15
CA CYS A 130 3.48 -2.63 -15.19
C CYS A 130 3.01 -3.70 -14.22
N ARG A 131 1.72 -3.64 -13.92
CA ARG A 131 1.05 -4.56 -13.01
C ARG A 131 -0.22 -5.13 -13.64
N GLY A 132 -0.24 -5.22 -14.96
CA GLY A 132 -1.42 -5.62 -15.70
C GLY A 132 -1.63 -4.73 -16.90
N THR A 133 -2.81 -4.79 -17.48
CA THR A 133 -3.09 -4.14 -18.76
C THR A 133 -4.25 -3.15 -18.67
N GLU A 134 -4.63 -2.74 -17.46
CA GLU A 134 -5.66 -1.74 -17.29
C GLU A 134 -5.15 -0.34 -17.68
N LEU A 135 -6.04 0.46 -18.26
CA LEU A 135 -5.74 1.83 -18.64
C LEU A 135 -6.60 2.77 -17.81
N ASP A 136 -5.99 3.78 -17.21
CA ASP A 136 -6.70 4.82 -16.46
C ASP A 136 -7.00 6.00 -17.40
N CYS A 137 -8.27 6.17 -17.76
CA CYS A 137 -8.61 7.27 -18.67
C CYS A 137 -8.71 8.61 -17.96
N GLY A 138 -8.71 8.62 -16.63
CA GLY A 138 -8.76 9.85 -15.89
C GLY A 138 -10.14 10.46 -15.89
N ILE A 139 -10.26 11.58 -15.16
CA ILE A 139 -11.50 12.32 -15.05
C ILE A 139 -11.16 13.81 -14.97
N GLU A 140 -11.97 14.64 -15.62
CA GLU A 140 -11.73 16.08 -15.67
C GLU A 140 -12.07 16.73 -14.35
N THR A 141 -11.10 17.43 -13.77
CA THR A 141 -11.25 18.05 -12.45
C THR A 141 -11.92 19.45 -12.46
N LYS B 3 8.90 -10.51 19.83
CA LYS B 3 9.04 -10.75 18.41
C LYS B 3 8.44 -9.61 17.61
N ILE B 4 8.89 -9.48 16.37
CA ILE B 4 8.20 -8.64 15.39
C ILE B 4 7.82 -9.52 14.22
N PRO B 5 6.83 -9.12 13.43
CA PRO B 5 6.48 -9.91 12.24
C PRO B 5 7.66 -9.96 11.27
N VAL B 6 7.77 -11.08 10.55
CA VAL B 6 8.84 -11.24 9.56
C VAL B 6 8.58 -10.41 8.30
N GLU B 7 7.33 -9.95 8.09
CA GLU B 7 6.98 -9.06 6.99
C GLU B 7 6.98 -7.58 7.39
N ALA B 8 7.29 -7.27 8.64
CA ALA B 8 7.33 -5.88 9.09
C ALA B 8 8.55 -5.17 8.50
N ASP B 9 8.45 -3.84 8.43
CA ASP B 9 9.55 -2.94 8.06
C ASP B 9 9.88 -3.00 6.59
N PHE B 10 8.92 -3.43 5.76
CA PHE B 10 9.02 -3.31 4.32
C PHE B 10 8.19 -2.13 3.85
N LEU B 11 8.63 -1.50 2.76
CA LEU B 11 7.81 -0.59 2.00
C LEU B 11 8.01 -0.88 0.53
N TYR B 12 6.91 -0.97 -0.21
CA TYR B 12 6.92 -1.24 -1.64
C TYR B 12 6.33 -0.01 -2.33
N ALA B 13 7.20 0.74 -2.98
CA ALA B 13 6.80 1.95 -3.69
C ALA B 13 6.54 1.52 -5.13
N TYR B 14 5.28 1.21 -5.43
CA TYR B 14 4.93 0.81 -6.79
C TYR B 14 4.66 2.03 -7.65
N SER B 15 5.05 1.96 -8.91
CA SER B 15 4.85 3.08 -9.83
C SER B 15 3.38 3.26 -10.24
N THR B 16 2.58 2.21 -10.10
CA THR B 16 1.23 2.23 -10.63
C THR B 16 0.34 1.39 -9.73
N ALA B 17 -0.97 1.58 -9.89
CA ALA B 17 -1.96 0.87 -9.09
C ALA B 17 -2.09 -0.60 -9.51
N PRO B 18 -2.47 -1.48 -8.58
CA PRO B 18 -2.70 -2.89 -8.94
C PRO B 18 -3.55 -3.05 -10.20
N GLY B 19 -3.08 -3.90 -11.12
CA GLY B 19 -3.82 -4.22 -12.32
C GLY B 19 -3.54 -3.30 -13.50
N TYR B 20 -2.84 -2.19 -13.30
CA TYR B 20 -2.72 -1.16 -14.32
C TYR B 20 -1.37 -1.15 -15.02
N TYR B 21 -1.38 -0.64 -16.26
CA TYR B 21 -0.17 -0.28 -16.96
C TYR B 21 0.60 0.77 -16.16
N SER B 22 1.91 0.79 -16.38
CA SER B 22 2.78 1.85 -15.90
C SER B 22 3.42 2.51 -17.12
N TRP B 23 3.66 3.82 -17.05
CA TRP B 23 4.04 4.61 -18.23
C TRP B 23 5.49 5.09 -18.19
N ARG B 24 6.11 5.12 -19.36
CA ARG B 24 7.50 5.50 -19.52
C ARG B 24 7.61 6.40 -20.74
N ASN B 25 8.23 7.56 -20.58
CA ASN B 25 8.49 8.42 -21.72
C ASN B 25 9.77 7.96 -22.39
N SER B 26 9.70 7.75 -23.70
CA SER B 26 10.80 7.13 -24.43
C SER B 26 12.11 7.90 -24.30
N LYS B 27 12.06 9.19 -23.98
CA LYS B 27 13.28 9.98 -23.87
C LYS B 27 13.60 10.39 -22.45
N ASP B 28 12.62 10.78 -21.66
CA ASP B 28 12.84 11.28 -20.30
C ASP B 28 12.80 10.21 -19.22
N GLY B 29 12.42 8.97 -19.55
CA GLY B 29 12.28 7.91 -18.56
C GLY B 29 10.86 7.77 -18.04
N SER B 30 10.70 6.91 -17.04
CA SER B 30 9.36 6.66 -16.53
C SER B 30 8.85 7.84 -15.71
N TRP B 31 7.54 8.05 -15.75
CA TRP B 31 6.93 9.15 -15.00
C TRP B 31 7.24 9.01 -13.53
N PHE B 32 7.09 7.79 -13.01
CA PHE B 32 7.29 7.56 -11.58
C PHE B 32 8.72 7.88 -11.13
N ILE B 33 9.71 7.32 -11.83
CA ILE B 33 11.10 7.51 -11.42
C ILE B 33 11.49 8.98 -11.58
N GLN B 34 11.11 9.59 -12.71
CA GLN B 34 11.31 11.03 -12.86
C GLN B 34 10.83 11.77 -11.62
N SER B 35 9.59 11.52 -11.22
CA SER B 35 8.97 12.23 -10.11
C SER B 35 9.60 11.84 -8.77
N LEU B 36 9.87 10.55 -8.56
CA LEU B 36 10.49 10.12 -7.31
C LEU B 36 11.82 10.83 -7.08
N CYS B 37 12.65 10.90 -8.13
CA CYS B 37 13.94 11.57 -7.97
C CYS B 37 13.79 13.06 -7.69
N ALA B 38 12.87 13.74 -8.41
CA ALA B 38 12.68 15.18 -8.19
C ALA B 38 12.26 15.49 -6.75
N MET B 39 11.30 14.73 -6.23
CA MET B 39 10.79 14.91 -4.88
C MET B 39 11.86 14.58 -3.83
N LEU B 40 12.63 13.51 -4.03
CA LEU B 40 13.71 13.20 -3.09
C LEU B 40 14.75 14.31 -3.10
N LYS B 41 15.14 14.75 -4.31
CA LYS B 41 16.06 15.88 -4.44
C LYS B 41 15.57 17.09 -3.66
N GLN B 42 14.28 17.39 -3.75
CA GLN B 42 13.82 18.64 -3.17
C GLN B 42 13.38 18.52 -1.71
N TYR B 43 12.99 17.32 -1.24
CA TYR B 43 12.41 17.19 0.09
C TYR B 43 13.08 16.19 1.01
N ALA B 44 14.09 15.43 0.56
CA ALA B 44 14.66 14.41 1.43
C ALA B 44 15.30 14.99 2.69
N ASP B 45 15.66 16.27 2.70
CA ASP B 45 16.27 16.85 3.90
C ASP B 45 15.26 17.52 4.83
N LYS B 46 13.95 17.36 4.57
CA LYS B 46 12.95 18.06 5.37
C LYS B 46 11.62 17.32 5.57
N LEU B 47 11.29 16.32 4.75
CA LEU B 47 9.99 15.65 4.83
C LEU B 47 10.16 14.17 5.17
N GLU B 48 9.25 13.62 5.99
CA GLU B 48 9.17 12.17 6.17
C GLU B 48 8.89 11.49 4.84
N PHE B 49 9.40 10.26 4.69
CA PHE B 49 9.38 9.56 3.40
C PHE B 49 7.96 9.35 2.87
N MET B 50 7.00 9.00 3.73
CA MET B 50 5.60 8.82 3.29
C MET B 50 5.05 10.12 2.70
N HIS B 51 5.42 11.26 3.28
CA HIS B 51 4.96 12.52 2.73
C HIS B 51 5.68 12.85 1.42
N ILE B 52 6.97 12.49 1.32
CA ILE B 52 7.65 12.61 0.03
C ILE B 52 6.94 11.78 -1.03
N LEU B 53 6.66 10.52 -0.69
CA LEU B 53 5.99 9.63 -1.63
C LEU B 53 4.60 10.12 -1.99
N THR B 54 3.90 10.76 -1.06
CA THR B 54 2.60 11.37 -1.37
C THR B 54 2.74 12.51 -2.39
N ARG B 55 3.81 13.30 -2.27
CA ARG B 55 4.08 14.34 -3.26
C ARG B 55 4.41 13.74 -4.62
N VAL B 56 5.07 12.57 -4.64
CA VAL B 56 5.29 11.83 -5.89
C VAL B 56 3.96 11.46 -6.52
N ASN B 57 3.05 10.88 -5.72
CA ASN B 57 1.72 10.53 -6.21
C ASN B 57 1.06 11.72 -6.88
N ARG B 58 1.10 12.88 -6.23
CA ARG B 58 0.44 14.05 -6.79
C ARG B 58 1.13 14.51 -8.07
N LYS B 59 2.44 14.43 -8.12
CA LYS B 59 3.16 14.84 -9.33
C LYS B 59 2.81 13.93 -10.51
N VAL B 60 2.84 12.61 -10.30
CA VAL B 60 2.46 11.70 -11.37
C VAL B 60 1.03 11.94 -11.80
N ALA B 61 0.12 12.14 -10.83
CA ALA B 61 -1.31 12.20 -11.14
C ALA B 61 -1.67 13.48 -11.89
N THR B 62 -1.05 14.60 -11.55
CA THR B 62 -1.47 15.88 -12.12
C THR B 62 -0.64 16.33 -13.31
N GLU B 63 0.66 16.03 -13.36
CA GLU B 63 1.53 16.66 -14.36
C GLU B 63 1.83 15.79 -15.57
N PHE B 64 1.49 14.50 -15.55
CA PHE B 64 1.73 13.62 -16.67
C PHE B 64 0.43 13.14 -17.31
N GLU B 65 0.44 13.02 -18.63
CA GLU B 65 -0.67 12.43 -19.36
C GLU B 65 -0.08 11.89 -20.65
N SER B 66 -0.48 10.69 -21.05
CA SER B 66 0.22 10.01 -22.14
C SER B 66 -0.02 10.70 -23.47
N PHE B 67 1.03 10.77 -24.27
CA PHE B 67 0.94 11.23 -25.66
C PHE B 67 1.35 10.07 -26.55
N SER B 68 0.44 9.61 -27.40
CA SER B 68 0.70 8.43 -28.24
C SER B 68 0.07 8.58 -29.62
N PHE B 69 0.78 8.12 -30.65
CA PHE B 69 0.19 8.10 -31.98
C PHE B 69 -0.95 7.09 -32.08
N ASP B 70 -1.00 6.15 -31.14
CA ASP B 70 -2.01 5.12 -31.07
C ASP B 70 -3.13 5.62 -30.15
N ALA B 71 -4.30 5.89 -30.73
CA ALA B 71 -5.41 6.42 -29.95
C ALA B 71 -5.75 5.54 -28.76
N THR B 72 -5.48 4.24 -28.87
CA THR B 72 -5.77 3.32 -27.78
C THR B 72 -5.02 3.73 -26.52
N PHE B 73 -3.79 4.23 -26.69
CA PHE B 73 -2.87 4.53 -25.61
C PHE B 73 -2.70 6.02 -25.36
N HIS B 74 -3.57 6.86 -25.92
CA HIS B 74 -3.40 8.31 -25.86
C HIS B 74 -4.25 8.94 -24.77
N ALA B 75 -3.67 9.93 -24.09
CA ALA B 75 -4.36 10.78 -23.09
C ALA B 75 -4.72 9.99 -21.83
N LYS B 76 -3.86 9.05 -21.45
CA LYS B 76 -4.09 8.23 -20.27
C LYS B 76 -3.36 8.79 -19.06
N LYS B 77 -3.77 8.32 -17.88
CA LYS B 77 -3.31 8.85 -16.61
C LYS B 77 -2.73 7.71 -15.76
N GLN B 78 -2.06 8.08 -14.67
CA GLN B 78 -1.42 7.09 -13.80
C GLN B 78 -1.34 7.58 -12.37
N ILE B 79 -1.63 6.71 -11.41
CA ILE B 79 -1.42 6.98 -9.99
C ILE B 79 -0.44 5.94 -9.44
N PRO B 80 0.58 6.32 -8.69
CA PRO B 80 1.46 5.33 -8.07
C PRO B 80 0.74 4.69 -6.88
N CYS B 81 1.39 3.68 -6.28
CA CYS B 81 0.74 2.92 -5.21
C CYS B 81 1.74 2.68 -4.06
N ILE B 82 1.60 3.42 -2.97
CA ILE B 82 2.47 3.25 -1.82
C ILE B 82 1.93 2.13 -0.94
N VAL B 83 2.76 1.09 -0.72
CA VAL B 83 2.40 0.00 0.17
C VAL B 83 3.40 -0.02 1.34
N SER B 84 2.93 0.33 2.55
CA SER B 84 3.83 0.44 3.69
C SER B 84 3.50 -0.64 4.72
N MET B 85 4.45 -1.56 4.95
CA MET B 85 4.44 -2.32 6.20
C MET B 85 5.46 -1.75 7.21
N LEU B 86 5.74 -0.44 7.14
CA LEU B 86 6.75 0.16 8.01
C LEU B 86 6.17 0.36 9.41
N THR B 87 7.04 0.30 10.43
CA THR B 87 6.60 0.48 11.82
C THR B 87 7.03 1.82 12.40
N LYS B 88 7.83 2.60 11.70
CA LYS B 88 8.29 3.88 12.20
C LYS B 88 8.35 4.86 11.05
N GLU B 89 8.52 6.14 11.39
CA GLU B 89 8.72 7.18 10.40
C GLU B 89 10.17 7.11 9.90
N LEU B 90 10.35 7.57 8.67
CA LEU B 90 11.64 7.45 8.00
C LEU B 90 12.07 8.83 7.53
N TYR B 91 13.16 9.34 8.11
CA TYR B 91 13.79 10.58 7.69
C TYR B 91 15.19 10.24 7.20
N PHE B 92 15.51 10.63 5.97
CA PHE B 92 16.83 10.28 5.44
C PHE B 92 17.93 11.05 6.17
N TYR B 93 17.70 12.32 6.49
CA TYR B 93 18.61 13.05 7.36
C TYR B 93 18.44 12.57 8.81
N ASP C 1 -1.20 23.45 -2.38
CA ASP C 1 -2.21 22.59 -1.79
C ASP C 1 -1.60 21.24 -1.39
N ASN C 2 -0.86 21.22 -0.28
CA ASN C 2 -0.24 19.97 0.17
C ASN C 2 -1.19 19.11 1.00
N SER C 3 -2.30 19.67 1.48
CA SER C 3 -3.23 18.98 2.37
C SER C 3 -4.64 18.99 1.81
N TYR C 4 -5.38 17.90 2.02
CA TYR C 4 -6.78 17.87 1.59
C TYR C 4 -7.59 18.93 2.34
N LYS C 5 -8.55 19.51 1.64
CA LYS C 5 -9.51 20.44 2.24
C LYS C 5 -10.48 19.65 3.09
N MET C 6 -10.41 19.86 4.41
CA MET C 6 -11.29 19.19 5.36
C MET C 6 -12.15 20.17 6.15
N ASP C 7 -12.41 21.35 5.60
CA ASP C 7 -13.34 22.29 6.22
C ASP C 7 -14.59 22.49 5.38
N TYR C 8 -14.99 21.48 4.63
CA TYR C 8 -16.35 21.44 4.10
C TYR C 8 -17.34 21.44 5.27
N PRO C 9 -18.61 21.75 5.03
CA PRO C 9 -19.58 21.71 6.14
C PRO C 9 -19.61 20.38 6.90
N GLU C 10 -19.37 19.24 6.23
CA GLU C 10 -19.43 17.92 6.86
C GLU C 10 -18.12 17.17 6.64
N MET C 11 -17.60 16.50 7.69
CA MET C 11 -16.49 15.57 7.50
C MET C 11 -16.80 14.49 6.48
N GLY C 12 -18.00 13.91 6.51
CA GLY C 12 -18.40 12.88 5.56
C GLY C 12 -19.09 11.71 6.22
N LEU C 13 -19.43 10.73 5.39
CA LEU C 13 -20.00 9.48 5.88
C LEU C 13 -18.91 8.57 6.43
N CYS C 14 -19.28 7.75 7.41
CA CYS C 14 -18.46 6.61 7.81
C CYS C 14 -19.36 5.37 7.82
N ILE C 15 -19.23 4.53 6.79
CA ILE C 15 -20.03 3.33 6.65
C ILE C 15 -19.30 2.17 7.31
N ILE C 16 -19.95 1.51 8.28
CA ILE C 16 -19.38 0.36 8.96
C ILE C 16 -20.25 -0.85 8.61
N ILE C 17 -19.66 -1.81 7.91
CA ILE C 17 -20.31 -3.08 7.63
C ILE C 17 -19.74 -4.11 8.57
N ASN C 18 -20.58 -4.63 9.48
CA ASN C 18 -20.16 -5.49 10.58
C ASN C 18 -20.78 -6.88 10.37
N ASN C 19 -20.02 -7.79 9.77
CA ASN C 19 -20.54 -9.13 9.48
C ASN C 19 -20.02 -10.10 10.54
N LYS C 20 -20.95 -10.63 11.33
CA LYS C 20 -20.64 -11.50 12.45
C LYS C 20 -21.17 -12.91 12.27
N ASN C 21 -22.40 -13.05 11.82
CA ASN C 21 -23.08 -14.32 11.66
C ASN C 21 -23.19 -14.65 10.19
N PHE C 22 -22.60 -15.76 9.78
CA PHE C 22 -22.63 -16.19 8.38
C PHE C 22 -23.52 -17.40 8.24
N HIS C 23 -24.12 -17.55 7.05
CA HIS C 23 -24.95 -18.72 6.79
C HIS C 23 -24.11 -19.99 6.94
N LYS C 24 -24.68 -20.99 7.61
CA LYS C 24 -23.91 -22.22 7.87
C LYS C 24 -23.47 -22.88 6.58
N SER C 25 -24.21 -22.67 5.48
CA SER C 25 -23.83 -23.29 4.23
C SER C 25 -22.48 -22.78 3.70
N THR C 26 -22.02 -21.63 4.18
CA THR C 26 -20.69 -21.17 3.78
C THR C 26 -19.57 -21.81 4.60
N GLY C 27 -19.90 -22.54 5.66
CA GLY C 27 -18.90 -23.20 6.48
C GLY C 27 -18.03 -22.27 7.32
N MET C 28 -18.45 -21.02 7.50
CA MET C 28 -17.59 -19.94 7.98
C MET C 28 -17.95 -19.60 9.42
N THR C 29 -16.94 -19.43 10.27
CA THR C 29 -17.19 -19.26 11.71
C THR C 29 -17.85 -17.93 12.03
N SER C 30 -18.47 -17.87 13.20
CA SER C 30 -18.95 -16.60 13.74
C SER C 30 -17.79 -15.77 14.26
N ARG C 31 -17.88 -14.45 14.09
CA ARG C 31 -16.72 -13.57 14.34
C ARG C 31 -16.88 -12.87 15.70
N SER C 32 -16.71 -13.68 16.76
CA SER C 32 -16.78 -13.19 18.13
C SER C 32 -15.81 -12.03 18.34
N GLY C 33 -16.30 -10.97 18.94
CA GLY C 33 -15.51 -9.80 19.22
C GLY C 33 -15.68 -8.68 18.23
N THR C 34 -16.33 -8.94 17.09
CA THR C 34 -16.52 -7.89 16.10
C THR C 34 -17.50 -6.80 16.54
N ASP C 35 -18.42 -7.11 17.45
CA ASP C 35 -19.31 -6.07 17.95
C ASP C 35 -18.55 -5.02 18.74
N VAL C 36 -17.53 -5.45 19.46
CA VAL C 36 -16.59 -4.55 20.13
C VAL C 36 -15.89 -3.65 19.13
N ASP C 37 -15.47 -4.21 18.00
CA ASP C 37 -14.84 -3.39 16.96
C ASP C 37 -15.83 -2.36 16.42
N ALA C 38 -17.04 -2.81 16.09
CA ALA C 38 -18.01 -1.92 15.45
C ALA C 38 -18.39 -0.76 16.37
N ALA C 39 -18.59 -1.04 17.67
CA ALA C 39 -18.90 0.02 18.63
C ALA C 39 -17.71 0.96 18.84
N ASN C 40 -16.50 0.40 18.88
CA ASN C 40 -15.30 1.23 19.00
C ASN C 40 -15.19 2.19 17.82
N LEU C 41 -15.39 1.68 16.60
CA LEU C 41 -15.31 2.49 15.38
C LEU C 41 -16.40 3.55 15.34
N ARG C 42 -17.62 3.21 15.77
CA ARG C 42 -18.71 4.18 15.80
C ARG C 42 -18.37 5.37 16.69
N GLU C 43 -17.89 5.10 17.90
CA GLU C 43 -17.53 6.18 18.81
C GLU C 43 -16.34 6.99 18.27
N THR C 44 -15.31 6.31 17.79
CA THR C 44 -14.10 6.97 17.30
C THR C 44 -14.43 7.98 16.21
N PHE C 45 -15.16 7.55 15.19
CA PHE C 45 -15.47 8.48 14.11
C PHE C 45 -16.56 9.47 14.47
N ARG C 46 -17.45 9.13 15.42
CA ARG C 46 -18.34 10.15 15.96
C ARG C 46 -17.56 11.32 16.55
N ASN C 47 -16.51 11.03 17.31
CA ASN C 47 -15.70 12.11 17.88
C ASN C 47 -14.94 12.90 16.82
N LEU C 48 -14.81 12.35 15.62
CA LEU C 48 -14.18 13.07 14.53
C LEU C 48 -15.20 13.80 13.65
N LYS C 49 -16.48 13.76 14.04
CA LYS C 49 -17.60 14.45 13.40
C LYS C 49 -18.02 13.80 12.08
N TYR C 50 -17.76 12.51 11.91
CA TYR C 50 -18.31 11.79 10.78
C TYR C 50 -19.74 11.35 11.07
N GLU C 51 -20.59 11.37 10.04
CA GLU C 51 -21.94 10.82 10.13
C GLU C 51 -21.80 9.30 9.98
N VAL C 52 -21.93 8.57 11.09
CA VAL C 52 -21.66 7.13 11.11
C VAL C 52 -22.94 6.37 10.81
N ARG C 53 -22.84 5.35 9.95
CA ARG C 53 -23.93 4.39 9.76
C ARG C 53 -23.38 2.99 10.00
N ASN C 54 -23.91 2.32 11.02
CA ASN C 54 -23.54 0.93 11.31
C ASN C 54 -24.49 -0.05 10.65
N LYS C 55 -23.90 -1.08 10.04
CA LYS C 55 -24.65 -2.12 9.35
C LYS C 55 -24.14 -3.49 9.76
N ASN C 56 -25.09 -4.41 10.03
CA ASN C 56 -24.78 -5.74 10.52
C ASN C 56 -25.29 -6.83 9.58
N ASP C 57 -24.44 -7.85 9.39
CA ASP C 57 -24.81 -9.12 8.74
C ASP C 57 -25.49 -8.90 7.39
N LEU C 58 -24.73 -8.31 6.47
CA LEU C 58 -25.22 -8.00 5.14
C LEU C 58 -24.86 -9.12 4.17
N THR C 59 -25.79 -9.49 3.30
CA THR C 59 -25.45 -10.48 2.30
C THR C 59 -24.50 -9.87 1.28
N ARG C 60 -23.96 -10.75 0.46
CA ARG C 60 -23.20 -10.35 -0.72
C ARG C 60 -23.91 -9.24 -1.48
N GLU C 61 -25.20 -9.43 -1.72
CA GLU C 61 -25.98 -8.53 -2.56
C GLU C 61 -26.31 -7.23 -1.83
N GLU C 62 -26.52 -7.30 -0.51
CA GLU C 62 -26.82 -6.09 0.25
C GLU C 62 -25.60 -5.17 0.33
N ILE C 63 -24.41 -5.76 0.43
CA ILE C 63 -23.19 -4.96 0.44
C ILE C 63 -23.05 -4.17 -0.87
N VAL C 64 -23.21 -4.85 -2.00
CA VAL C 64 -23.08 -4.19 -3.29
C VAL C 64 -24.16 -3.11 -3.45
N GLU C 65 -25.39 -3.43 -3.04
CA GLU C 65 -26.49 -2.48 -3.15
C GLU C 65 -26.27 -1.27 -2.25
N LEU C 66 -25.81 -1.51 -1.02
CA LEU C 66 -25.50 -0.40 -0.11
C LEU C 66 -24.42 0.48 -0.70
N MET C 67 -23.40 -0.14 -1.30
CA MET C 67 -22.25 0.61 -1.78
C MET C 67 -22.59 1.47 -2.98
N ARG C 68 -23.35 0.95 -3.95
CA ARG C 68 -23.77 1.81 -5.06
C ARG C 68 -24.70 2.91 -4.57
N ASP C 69 -25.67 2.57 -3.72
CA ASP C 69 -26.58 3.58 -3.19
C ASP C 69 -25.81 4.75 -2.60
N VAL C 70 -24.88 4.45 -1.68
CA VAL C 70 -24.09 5.50 -1.02
C VAL C 70 -23.29 6.29 -2.05
N SER C 71 -22.70 5.61 -3.02
CA SER C 71 -21.91 6.34 -4.02
C SER C 71 -22.78 7.24 -4.88
N LYS C 72 -24.09 7.02 -4.91
CA LYS C 72 -25.00 7.86 -5.68
C LYS C 72 -25.56 9.03 -4.87
N GLU C 73 -25.25 9.13 -3.58
CA GLU C 73 -25.66 10.29 -2.82
C GLU C 73 -24.89 11.52 -3.29
N ASP C 74 -25.37 12.69 -2.88
CA ASP C 74 -24.67 13.95 -3.13
C ASP C 74 -23.70 14.18 -1.99
N HIS C 75 -22.41 13.93 -2.26
CA HIS C 75 -21.33 14.16 -1.32
C HIS C 75 -20.71 15.55 -1.45
N SER C 76 -21.41 16.50 -2.11
CA SER C 76 -20.81 17.80 -2.43
C SER C 76 -20.36 18.57 -1.19
N LYS C 77 -21.15 18.57 -0.12
CA LYS C 77 -20.75 19.26 1.09
C LYS C 77 -19.95 18.37 2.06
N ARG C 78 -19.41 17.26 1.59
CA ARG C 78 -18.67 16.37 2.48
C ARG C 78 -17.18 16.40 2.14
N SER C 79 -16.33 16.33 3.15
CA SER C 79 -14.90 16.47 2.90
C SER C 79 -14.27 15.17 2.42
N SER C 80 -14.78 14.03 2.88
CA SER C 80 -14.16 12.74 2.65
C SER C 80 -15.22 11.64 2.72
N PHE C 81 -14.76 10.41 2.55
CA PHE C 81 -15.63 9.24 2.65
C PHE C 81 -14.83 8.13 3.31
N VAL C 82 -15.47 7.43 4.26
CA VAL C 82 -14.84 6.35 5.01
C VAL C 82 -15.77 5.13 4.97
N CYS C 83 -15.20 3.98 4.62
CA CYS C 83 -15.90 2.70 4.68
C CYS C 83 -15.04 1.73 5.47
N VAL C 84 -15.64 1.08 6.47
CA VAL C 84 -14.94 0.06 7.24
C VAL C 84 -15.62 -1.27 6.95
N LEU C 85 -14.84 -2.29 6.63
CA LEU C 85 -15.35 -3.62 6.34
C LEU C 85 -14.79 -4.57 7.37
N LEU C 86 -15.70 -5.28 8.07
CA LEU C 86 -15.35 -6.18 9.17
C LEU C 86 -15.94 -7.55 8.84
N SER C 87 -15.12 -8.48 8.33
CA SER C 87 -15.65 -9.77 7.90
C SER C 87 -14.53 -10.78 7.72
N HIS C 88 -14.91 -11.98 7.31
CA HIS C 88 -13.93 -12.90 6.75
C HIS C 88 -13.50 -12.39 5.38
N GLY C 89 -12.38 -12.91 4.90
CA GLY C 89 -11.91 -12.46 3.59
C GLY C 89 -10.88 -13.43 3.05
N GLU C 90 -10.55 -13.21 1.77
CA GLU C 90 -9.37 -13.77 1.10
C GLU C 90 -8.69 -12.63 0.34
N GLU C 91 -7.55 -12.90 -0.28
CA GLU C 91 -6.87 -11.83 -1.02
C GLU C 91 -7.81 -11.25 -2.06
N GLY C 92 -8.07 -9.94 -1.97
CA GLY C 92 -8.96 -9.26 -2.91
C GLY C 92 -10.44 -9.45 -2.66
N ILE C 93 -10.82 -10.08 -1.55
CA ILE C 93 -12.21 -10.54 -1.35
C ILE C 93 -12.64 -10.28 0.09
N ILE C 94 -13.84 -9.70 0.25
CA ILE C 94 -14.56 -9.55 1.53
C ILE C 94 -15.76 -10.49 1.47
N PHE C 95 -16.15 -11.06 2.61
CA PHE C 95 -17.27 -11.99 2.61
C PHE C 95 -18.56 -11.31 3.10
N GLY C 96 -19.59 -11.37 2.28
CA GLY C 96 -20.94 -11.22 2.76
C GLY C 96 -21.33 -12.43 3.61
N THR C 97 -22.50 -12.33 4.25
CA THR C 97 -22.92 -13.45 5.09
C THR C 97 -23.20 -14.70 4.29
N ASN C 98 -23.41 -14.58 2.98
CA ASN C 98 -23.76 -15.70 2.13
C ASN C 98 -22.77 -15.92 1.00
N GLY C 99 -21.64 -15.22 0.98
CA GLY C 99 -20.69 -15.43 -0.08
C GLY C 99 -19.73 -14.28 -0.32
N PRO C 100 -18.76 -14.50 -1.21
CA PRO C 100 -17.67 -13.54 -1.40
C PRO C 100 -18.02 -12.40 -2.35
N VAL C 101 -17.43 -11.22 -2.06
CA VAL C 101 -17.57 -10.01 -2.88
C VAL C 101 -16.16 -9.55 -3.22
N ASP C 102 -15.88 -9.38 -4.52
CA ASP C 102 -14.63 -8.75 -4.92
C ASP C 102 -14.51 -7.35 -4.34
N LEU C 103 -13.37 -7.06 -3.70
CA LEU C 103 -13.20 -5.73 -3.12
C LEU C 103 -13.19 -4.66 -4.19
N LYS C 104 -12.71 -5.01 -5.39
CA LYS C 104 -12.69 -4.06 -6.49
C LYS C 104 -14.08 -3.63 -6.90
N LYS C 105 -15.08 -4.52 -6.77
CA LYS C 105 -16.45 -4.14 -7.13
C LYS C 105 -17.00 -3.09 -6.17
N ILE C 106 -16.69 -3.24 -4.89
CA ILE C 106 -17.10 -2.25 -3.89
C ILE C 106 -16.43 -0.91 -4.16
N THR C 107 -15.10 -0.91 -4.32
CA THR C 107 -14.40 0.36 -4.44
C THR C 107 -14.63 1.03 -5.81
N ASN C 108 -14.92 0.25 -6.86
CA ASN C 108 -15.15 0.84 -8.19
C ASN C 108 -16.30 1.87 -8.18
N PHE C 109 -17.32 1.69 -7.32
CA PHE C 109 -18.41 2.66 -7.24
C PHE C 109 -17.91 4.07 -6.92
N PHE C 110 -16.77 4.19 -6.25
CA PHE C 110 -16.28 5.48 -5.78
C PHE C 110 -15.17 6.04 -6.64
N ARG C 111 -14.89 5.42 -7.78
CA ARG C 111 -13.86 5.92 -8.69
C ARG C 111 -14.08 7.39 -9.01
N GLY C 112 -12.99 8.07 -9.33
CA GLY C 112 -13.05 9.50 -9.59
C GLY C 112 -14.06 9.86 -10.66
N ASP C 113 -14.30 8.96 -11.61
CA ASP C 113 -15.24 9.22 -12.70
C ASP C 113 -16.64 8.69 -12.43
N ARG C 114 -16.82 7.80 -11.43
CA ARG C 114 -18.12 7.25 -11.15
C ARG C 114 -18.82 7.91 -9.98
N CYS C 115 -18.10 8.62 -9.12
CA CYS C 115 -18.70 9.35 -8.00
C CYS C 115 -18.13 10.76 -8.00
N ARG C 116 -18.75 11.64 -8.78
CA ARG C 116 -18.16 12.93 -9.10
C ARG C 116 -18.14 13.88 -7.90
N SER C 117 -19.08 13.72 -6.98
CA SER C 117 -19.06 14.58 -5.81
C SER C 117 -18.03 14.14 -4.77
N LEU C 118 -17.28 13.07 -5.02
CA LEU C 118 -16.10 12.74 -4.23
C LEU C 118 -14.81 12.86 -5.04
N THR C 119 -14.88 13.31 -6.30
CA THR C 119 -13.67 13.50 -7.07
C THR C 119 -12.76 14.50 -6.36
N GLY C 120 -11.49 14.15 -6.19
CA GLY C 120 -10.55 15.03 -5.54
C GLY C 120 -10.50 14.92 -4.03
N LYS C 121 -11.38 14.12 -3.43
CA LYS C 121 -11.50 14.00 -1.99
C LYS C 121 -11.05 12.61 -1.52
N PRO C 122 -10.44 12.51 -0.32
CA PRO C 122 -9.89 11.22 0.13
C PRO C 122 -10.98 10.20 0.39
N LYS C 123 -10.82 9.01 -0.18
CA LYS C 123 -11.74 7.88 -0.04
C LYS C 123 -11.02 6.79 0.75
N LEU C 124 -11.40 6.60 2.01
CA LEU C 124 -10.68 5.69 2.89
C LEU C 124 -11.47 4.40 3.09
N PHE C 125 -10.80 3.27 2.82
CA PHE C 125 -11.37 1.95 3.05
C PHE C 125 -10.54 1.23 4.11
N ILE C 126 -11.19 0.85 5.19
CA ILE C 126 -10.52 0.22 6.32
C ILE C 126 -11.05 -1.20 6.35
N ILE C 127 -10.13 -2.18 6.26
CA ILE C 127 -10.51 -3.54 5.94
C ILE C 127 -9.94 -4.46 7.01
N GLN C 128 -10.81 -4.97 7.87
CA GLN C 128 -10.45 -5.99 8.84
C GLN C 128 -11.01 -7.30 8.28
N ALA C 129 -10.13 -8.12 7.71
CA ALA C 129 -10.48 -9.38 7.07
C ALA C 129 -9.20 -10.11 6.70
N CYS C 130 -9.29 -11.44 6.61
CA CYS C 130 -8.12 -12.19 6.16
C CYS C 130 -7.84 -11.93 4.68
N ARG C 131 -6.60 -12.18 4.28
CA ARG C 131 -6.14 -12.01 2.90
C ARG C 131 -5.47 -13.27 2.37
N GLY C 132 -5.84 -14.42 2.91
CA GLY C 132 -5.16 -15.65 2.62
C GLY C 132 -4.96 -16.45 3.88
N THR C 133 -4.10 -17.47 3.79
CA THR C 133 -3.94 -18.43 4.89
C THR C 133 -2.50 -18.50 5.39
N GLU C 134 -1.65 -17.53 5.06
CA GLU C 134 -0.29 -17.57 5.57
C GLU C 134 -0.25 -17.06 7.01
N LEU C 135 0.65 -17.65 7.80
CA LEU C 135 0.86 -17.27 9.19
C LEU C 135 2.24 -16.64 9.34
N ASP C 136 2.33 -15.56 10.10
CA ASP C 136 3.60 -14.88 10.36
C ASP C 136 4.17 -15.39 11.68
N CYS C 137 5.26 -16.15 11.61
CA CYS C 137 5.83 -16.76 12.81
C CYS C 137 6.65 -15.78 13.62
N GLY C 138 6.94 -14.60 13.07
CA GLY C 138 7.69 -13.59 13.79
C GLY C 138 9.17 -13.92 13.84
N ILE C 139 9.92 -12.97 14.39
CA ILE C 139 11.36 -13.13 14.60
C ILE C 139 11.71 -12.47 15.93
N GLU C 140 12.48 -13.18 16.75
CA GLU C 140 12.79 -12.71 18.10
C GLU C 140 13.81 -11.57 18.01
N THR C 141 13.44 -10.41 18.54
CA THR C 141 14.28 -9.21 18.48
C THR C 141 13.51 -8.01 19.04
N HIS D 2 -6.84 19.13 -18.18
CA HIS D 2 -6.16 18.58 -17.01
C HIS D 2 -7.08 17.64 -16.21
N LYS D 3 -6.69 16.38 -16.15
CA LYS D 3 -7.46 15.33 -15.50
C LYS D 3 -6.66 14.75 -14.33
N ILE D 4 -7.32 13.93 -13.53
CA ILE D 4 -6.63 13.14 -12.51
C ILE D 4 -7.00 11.68 -12.75
N PRO D 5 -6.16 10.75 -12.29
CA PRO D 5 -6.51 9.33 -12.45
C PRO D 5 -7.81 9.01 -11.72
N VAL D 6 -8.58 8.07 -12.29
CA VAL D 6 -9.82 7.66 -11.65
C VAL D 6 -9.54 6.84 -10.38
N GLU D 7 -8.35 6.25 -10.24
CA GLU D 7 -7.94 5.50 -9.05
C GLU D 7 -7.23 6.36 -8.01
N ALA D 8 -7.04 7.66 -8.27
CA ALA D 8 -6.37 8.55 -7.33
C ALA D 8 -7.27 8.86 -6.13
N ASP D 9 -6.61 9.24 -5.02
CA ASP D 9 -7.26 9.69 -3.77
C ASP D 9 -7.99 8.57 -3.06
N PHE D 10 -7.55 7.33 -3.25
CA PHE D 10 -7.98 6.23 -2.42
C PHE D 10 -6.89 5.91 -1.42
N LEU D 11 -7.32 5.47 -0.23
CA LEU D 11 -6.45 4.84 0.75
C LEU D 11 -7.10 3.54 1.20
N TYR D 12 -6.34 2.44 1.18
CA TYR D 12 -6.83 1.16 1.68
C TYR D 12 -5.98 0.77 2.88
N ALA D 13 -6.58 0.82 4.06
CA ALA D 13 -5.88 0.48 5.29
C ALA D 13 -6.24 -0.97 5.59
N TYR D 14 -5.38 -1.89 5.12
CA TYR D 14 -5.61 -3.31 5.38
C TYR D 14 -5.06 -3.71 6.74
N SER D 15 -5.77 -4.62 7.41
CA SER D 15 -5.37 -5.12 8.73
C SER D 15 -4.14 -6.01 8.68
N THR D 16 -3.83 -6.59 7.52
CA THR D 16 -2.77 -7.59 7.41
C THR D 16 -2.12 -7.50 6.03
N ALA D 17 -0.98 -8.12 5.91
CA ALA D 17 -0.20 -8.14 4.68
C ALA D 17 -0.79 -9.10 3.62
N PRO D 18 -0.62 -8.79 2.33
CA PRO D 18 -1.14 -9.68 1.28
C PRO D 18 -0.83 -11.15 1.55
N GLY D 19 -1.84 -12.00 1.41
CA GLY D 19 -1.63 -13.43 1.58
C GLY D 19 -1.78 -13.95 2.99
N TYR D 20 -1.88 -13.08 4.01
CA TYR D 20 -1.82 -13.49 5.40
C TYR D 20 -3.18 -13.50 6.09
N TYR D 21 -3.30 -14.38 7.09
CA TYR D 21 -4.40 -14.30 8.04
C TYR D 21 -4.38 -12.95 8.74
N SER D 22 -5.54 -12.53 9.22
CA SER D 22 -5.70 -11.41 10.14
C SER D 22 -6.27 -11.95 11.44
N TRP D 23 -5.90 -11.34 12.57
CA TRP D 23 -6.16 -11.88 13.90
C TRP D 23 -7.22 -11.07 14.63
N ARG D 24 -8.03 -11.78 15.42
CA ARG D 24 -9.12 -11.15 16.15
C ARG D 24 -9.20 -11.79 17.52
N ASN D 25 -9.24 -10.97 18.56
CA ASN D 25 -9.41 -11.48 19.91
C ASN D 25 -10.90 -11.65 20.20
N SER D 26 -11.26 -12.83 20.71
CA SER D 26 -12.65 -13.19 20.99
C SER D 26 -13.37 -12.12 21.81
N LYS D 27 -12.68 -11.51 22.75
CA LYS D 27 -13.29 -10.61 23.72
C LYS D 27 -13.04 -9.15 23.41
N ASP D 28 -11.83 -8.79 22.96
CA ASP D 28 -11.44 -7.40 22.82
C ASP D 28 -11.60 -6.84 21.42
N GLY D 29 -11.87 -7.68 20.42
CA GLY D 29 -11.95 -7.26 19.04
C GLY D 29 -10.65 -7.54 18.29
N SER D 30 -10.65 -7.13 17.03
CA SER D 30 -9.48 -7.39 16.19
C SER D 30 -8.32 -6.52 16.60
N TRP D 31 -7.10 -7.08 16.50
CA TRP D 31 -5.90 -6.34 16.85
C TRP D 31 -5.86 -5.01 16.11
N PHE D 32 -6.14 -5.06 14.81
CA PHE D 32 -6.02 -3.89 13.94
C PHE D 32 -7.00 -2.79 14.35
N ILE D 33 -8.28 -3.13 14.50
CA ILE D 33 -9.29 -2.12 14.81
C ILE D 33 -9.08 -1.58 16.23
N GLN D 34 -8.76 -2.46 17.19
CA GLN D 34 -8.36 -2.01 18.52
C GLN D 34 -7.31 -0.91 18.41
N SER D 35 -6.22 -1.21 17.71
CA SER D 35 -5.09 -0.27 17.62
C SER D 35 -5.44 0.97 16.81
N LEU D 36 -6.18 0.80 15.71
CA LEU D 36 -6.57 1.96 14.89
C LEU D 36 -7.37 2.97 15.70
N CYS D 37 -8.38 2.50 16.45
CA CYS D 37 -9.19 3.40 17.26
C CYS D 37 -8.36 4.06 18.35
N ALA D 38 -7.50 3.28 19.00
CA ALA D 38 -6.60 3.84 20.02
C ALA D 38 -5.72 4.95 19.45
N MET D 39 -5.16 4.76 18.25
CA MET D 39 -4.23 5.75 17.73
C MET D 39 -4.97 6.98 17.23
N LEU D 40 -6.15 6.78 16.63
CA LEU D 40 -6.96 7.93 16.22
C LEU D 40 -7.38 8.75 17.43
N LYS D 41 -7.77 8.07 18.52
CA LYS D 41 -8.14 8.77 19.75
C LYS D 41 -6.99 9.62 20.27
N GLN D 42 -5.76 9.08 20.23
CA GLN D 42 -4.64 9.81 20.81
C GLN D 42 -3.97 10.80 19.87
N TYR D 43 -4.05 10.61 18.56
CA TYR D 43 -3.24 11.41 17.65
C TYR D 43 -3.99 12.09 16.52
N ALA D 44 -5.31 11.90 16.40
CA ALA D 44 -6.04 12.59 15.33
C ALA D 44 -5.95 14.11 15.46
N ASP D 45 -5.70 14.65 16.66
CA ASP D 45 -5.52 16.09 16.77
C ASP D 45 -4.05 16.53 16.69
N LYS D 46 -3.12 15.61 16.43
CA LYS D 46 -1.70 15.94 16.39
C LYS D 46 -0.97 15.51 15.11
N LEU D 47 -1.39 14.43 14.45
CA LEU D 47 -0.56 13.82 13.40
C LEU D 47 -1.31 13.67 12.09
N GLU D 48 -0.56 13.73 10.98
CA GLU D 48 -1.07 13.36 9.66
C GLU D 48 -1.46 11.89 9.64
N PHE D 49 -2.43 11.56 8.77
CA PHE D 49 -3.05 10.22 8.84
C PHE D 49 -2.09 9.09 8.52
N MET D 50 -1.15 9.28 7.58
CA MET D 50 -0.20 8.21 7.31
C MET D 50 0.69 7.95 8.52
N HIS D 51 0.98 8.99 9.28
CA HIS D 51 1.80 8.79 10.47
C HIS D 51 0.99 8.15 11.58
N ILE D 52 -0.31 8.44 11.64
CA ILE D 52 -1.18 7.70 12.55
C ILE D 52 -1.20 6.23 12.18
N LEU D 53 -1.38 5.94 10.89
CA LEU D 53 -1.45 4.53 10.48
C LEU D 53 -0.14 3.82 10.70
N THR D 54 1.00 4.53 10.57
CA THR D 54 2.30 3.96 10.92
C THR D 54 2.38 3.62 12.42
N ARG D 55 1.83 4.47 13.27
CA ARG D 55 1.74 4.13 14.70
C ARG D 55 0.89 2.88 14.91
N VAL D 56 -0.18 2.74 14.13
CA VAL D 56 -1.02 1.54 14.18
C VAL D 56 -0.20 0.31 13.79
N ASN D 57 0.60 0.44 12.73
CA ASN D 57 1.46 -0.67 12.32
C ASN D 57 2.39 -1.10 13.46
N ARG D 58 2.98 -0.15 14.18
CA ARG D 58 3.93 -0.51 15.23
C ARG D 58 3.21 -1.13 16.42
N LYS D 59 2.04 -0.59 16.77
CA LYS D 59 1.25 -1.16 17.87
C LYS D 59 0.90 -2.63 17.58
N VAL D 60 0.32 -2.90 16.41
CA VAL D 60 -0.04 -4.28 16.06
C VAL D 60 1.19 -5.18 16.04
N ALA D 61 2.31 -4.68 15.49
CA ALA D 61 3.49 -5.53 15.32
C ALA D 61 4.16 -5.86 16.65
N THR D 62 4.14 -4.93 17.60
CA THR D 62 4.92 -5.08 18.82
C THR D 62 4.09 -5.54 20.02
N GLU D 63 2.84 -5.09 20.16
CA GLU D 63 2.08 -5.35 21.39
C GLU D 63 1.16 -6.56 21.32
N PHE D 64 1.03 -7.22 20.17
CA PHE D 64 0.14 -8.36 20.02
C PHE D 64 0.91 -9.60 19.58
N GLU D 65 0.49 -10.73 20.13
CA GLU D 65 0.97 -12.05 19.71
C GLU D 65 -0.14 -13.05 20.01
N SER D 66 -0.40 -13.96 19.07
CA SER D 66 -1.58 -14.79 19.22
C SER D 66 -1.44 -15.76 20.39
N PHE D 67 -2.53 -15.97 21.11
CA PHE D 67 -2.60 -17.02 22.14
C PHE D 67 -3.67 -18.01 21.71
N SER D 68 -3.27 -19.25 21.47
CA SER D 68 -4.19 -20.26 20.97
C SER D 68 -3.94 -21.61 21.63
N PHE D 69 -5.03 -22.33 21.95
CA PHE D 69 -4.83 -23.69 22.42
C PHE D 69 -4.30 -24.59 21.31
N ASP D 70 -4.47 -24.18 20.06
CA ASP D 70 -3.95 -24.91 18.92
C ASP D 70 -2.52 -24.44 18.67
N ALA D 71 -1.57 -25.38 18.78
CA ALA D 71 -0.16 -25.05 18.59
C ALA D 71 0.09 -24.47 17.20
N THR D 72 -0.63 -24.97 16.19
CA THR D 72 -0.47 -24.45 14.84
C THR D 72 -0.71 -22.94 14.79
N PHE D 73 -1.65 -22.44 15.58
CA PHE D 73 -2.07 -21.05 15.53
C PHE D 73 -1.53 -20.19 16.67
N HIS D 74 -0.55 -20.70 17.42
CA HIS D 74 -0.09 -20.03 18.65
C HIS D 74 1.20 -19.26 18.42
N ALA D 75 1.28 -18.09 19.05
CA ALA D 75 2.48 -17.24 19.09
C ALA D 75 2.76 -16.60 17.74
N LYS D 76 1.72 -16.36 16.95
CA LYS D 76 1.90 -15.75 15.63
C LYS D 76 1.80 -14.23 15.72
N LYS D 77 2.29 -13.56 14.68
CA LYS D 77 2.39 -12.12 14.63
C LYS D 77 1.64 -11.57 13.43
N GLN D 78 1.50 -10.25 13.37
CA GLN D 78 0.76 -9.62 12.28
C GLN D 78 1.29 -8.22 12.02
N ILE D 79 1.36 -7.84 10.74
CA ILE D 79 1.68 -6.49 10.32
C ILE D 79 0.55 -5.98 9.43
N PRO D 80 0.00 -4.79 9.69
CA PRO D 80 -1.02 -4.25 8.79
C PRO D 80 -0.38 -3.80 7.48
N CYS D 81 -1.19 -3.33 6.53
CA CYS D 81 -0.69 -3.00 5.20
C CYS D 81 -1.36 -1.72 4.73
N ILE D 82 -0.63 -0.61 4.75
CA ILE D 82 -1.16 0.69 4.32
C ILE D 82 -0.98 0.80 2.81
N VAL D 83 -2.07 0.94 2.05
CA VAL D 83 -1.97 1.12 0.60
C VAL D 83 -2.51 2.52 0.27
N SER D 84 -1.63 3.43 -0.15
CA SER D 84 -1.99 4.82 -0.39
C SER D 84 -1.91 5.16 -1.88
N MET D 85 -3.06 5.49 -2.48
CA MET D 85 -3.11 6.26 -3.71
C MET D 85 -3.52 7.71 -3.47
N LEU D 86 -3.22 8.23 -2.28
CA LEU D 86 -3.59 9.60 -1.94
C LEU D 86 -2.62 10.58 -2.59
N THR D 87 -3.11 11.80 -2.87
CA THR D 87 -2.28 12.83 -3.49
C THR D 87 -1.99 14.01 -2.57
N LYS D 88 -2.54 14.03 -1.35
CA LYS D 88 -2.28 15.09 -0.40
C LYS D 88 -2.21 14.47 0.99
N GLU D 89 -1.74 15.28 1.93
CA GLU D 89 -1.72 14.91 3.33
C GLU D 89 -3.13 15.07 3.91
N LEU D 90 -3.45 14.23 4.88
CA LEU D 90 -4.79 14.20 5.46
C LEU D 90 -4.68 14.46 6.96
N TYR D 91 -5.27 15.56 7.40
CA TYR D 91 -5.33 15.95 8.80
C TYR D 91 -6.79 16.00 9.22
N PHE D 92 -7.14 15.31 10.30
CA PHE D 92 -8.51 15.37 10.79
C PHE D 92 -8.77 16.63 11.60
N TYR D 93 -7.74 17.35 12.04
CA TYR D 93 -7.93 18.59 12.78
C TYR D 93 -7.86 19.79 11.84
N HIS D 94 -8.59 20.84 12.22
CA HIS D 94 -8.52 22.19 11.66
C HIS D 94 -7.22 22.56 10.91
N VAL E 2 7.26 9.93 -27.57
CA VAL E 2 5.92 9.53 -27.13
C VAL E 2 6.05 8.73 -25.82
N ASP E 3 4.93 8.48 -25.14
CA ASP E 3 4.92 7.61 -23.98
C ASP E 3 4.53 6.19 -24.38
N VAL E 4 5.09 5.21 -23.69
CA VAL E 4 4.77 3.81 -23.91
C VAL E 4 4.61 3.14 -22.56
N VAL E 5 4.05 1.92 -22.58
CA VAL E 5 3.74 1.19 -21.34
C VAL E 5 4.83 0.16 -21.11
N VAL F 2 -9.22 -16.37 23.61
CA VAL F 2 -8.11 -16.76 22.74
C VAL F 2 -8.19 -15.91 21.47
N ASP F 3 -7.12 -15.91 20.68
CA ASP F 3 -7.14 -15.21 19.41
C ASP F 3 -7.52 -16.18 18.31
N VAL F 4 -8.23 -15.67 17.31
CA VAL F 4 -8.71 -16.47 16.19
C VAL F 4 -8.50 -15.64 14.92
N VAL F 5 -8.52 -16.31 13.77
CA VAL F 5 -8.17 -15.67 12.49
C VAL F 5 -9.43 -15.27 11.73
#